data_3RPH
#
_entry.id   3RPH
#
_cell.length_a   91.869
_cell.length_b   91.869
_cell.length_c   169.403
_cell.angle_alpha   90.000
_cell.angle_beta   90.000
_cell.angle_gamma   90.000
#
_symmetry.space_group_name_H-M   'I 4 2 2'
#
loop_
_entity.id
_entity.type
_entity.pdbx_description
1 polymer 'ADP/ATP-dependent NAD(P)H-hydrate dehydratase'
2 non-polymer 'MAGNESIUM ION'
3 non-polymer 'ADENOSINE MONOPHOSPHATE'
4 non-polymer 'PHOSPHATE ION'
5 water water
#
_entity_poly.entity_id   1
_entity_poly.type   'polypeptide(L)'
_entity_poly.pdbx_seq_one_letter_code
;SNAMNVPFWTEEHVRATLPERDAESHKGTYGTALLLAGSDDMPGAALLAGLGAMRSGLGKLVIGTSENVIPLIVPVLPEA
TYWRDGWKKAADAQLEETYRAIAIGPGLPQTESVQQAVDHVLTADCPVILDAGALAKRTYPKREGPVILTPHPGEFFRMT
GVPVNELQKKRAEYAKEWAAQLQTVIVLKGNQTVIAFPDGDCWLNPTGNGALAKGGTGDTLTGMILGMLCCHEDPKHAVL
NAVYLHGACAELWTDEHSAHTLLAHELSDILPRVWKRFE
;
_entity_poly.pdbx_strand_id   A
#
loop_
_chem_comp.id
_chem_comp.type
_chem_comp.name
_chem_comp.formula
AMP non-polymer 'ADENOSINE MONOPHOSPHATE' 'C10 H14 N5 O7 P'
MG non-polymer 'MAGNESIUM ION' 'Mg 2'
PO4 non-polymer 'PHOSPHATE ION' 'O4 P -3'
#
# COMPACT_ATOMS: atom_id res chain seq x y z
N ALA A 3 -4.62 -21.49 -13.02
CA ALA A 3 -4.12 -22.89 -12.89
C ALA A 3 -4.47 -23.47 -11.53
N MET A 4 -4.25 -22.68 -10.49
CA MET A 4 -4.72 -23.05 -9.14
C MET A 4 -6.19 -22.62 -8.90
N ASN A 5 -6.86 -22.09 -9.94
CA ASN A 5 -8.23 -21.56 -9.77
C ASN A 5 -8.31 -20.62 -8.55
N VAL A 6 -7.51 -19.58 -8.59
CA VAL A 6 -7.56 -18.60 -7.50
C VAL A 6 -8.81 -17.76 -7.71
N PRO A 7 -9.63 -17.59 -6.67
CA PRO A 7 -10.86 -16.80 -6.84
C PRO A 7 -10.61 -15.28 -6.93
N PHE A 8 -11.52 -14.58 -7.61
CA PHE A 8 -11.50 -13.11 -7.61
C PHE A 8 -12.14 -12.55 -6.32
N TRP A 9 -11.56 -11.45 -5.83
CA TRP A 9 -12.21 -10.69 -4.76
C TRP A 9 -13.21 -9.79 -5.48
N THR A 10 -14.49 -10.09 -5.30
CA THR A 10 -15.55 -9.47 -6.13
C THR A 10 -16.20 -8.27 -5.44
N GLU A 11 -16.99 -7.54 -6.22
CA GLU A 11 -17.83 -6.50 -5.71
C GLU A 11 -18.59 -6.95 -4.44
N GLU A 12 -19.14 -8.15 -4.43
CA GLU A 12 -19.94 -8.56 -3.30
C GLU A 12 -19.05 -8.73 -2.06
N HIS A 13 -17.84 -9.25 -2.24
CA HIS A 13 -16.85 -9.32 -1.13
C HIS A 13 -16.50 -7.94 -0.58
N VAL A 14 -16.28 -6.97 -1.46
CA VAL A 14 -15.99 -5.60 -1.06
C VAL A 14 -17.18 -5.05 -0.27
N ARG A 15 -18.38 -5.18 -0.83
CA ARG A 15 -19.54 -4.65 -0.16
C ARG A 15 -19.75 -5.21 1.24
N ALA A 16 -19.48 -6.50 1.40
CA ALA A 16 -19.67 -7.20 2.65
C ALA A 16 -18.65 -6.84 3.72
N THR A 17 -17.53 -6.28 3.33
CA THR A 17 -16.39 -6.06 4.25
C THR A 17 -15.94 -4.62 4.46
N LEU A 18 -16.42 -3.69 3.64
CA LEU A 18 -16.08 -2.27 3.88
C LEU A 18 -16.68 -1.81 5.22
N PRO A 19 -15.91 -1.02 5.99
CA PRO A 19 -16.33 -0.62 7.33
C PRO A 19 -17.31 0.52 7.34
N GLU A 20 -18.05 0.63 8.44
CA GLU A 20 -18.86 1.82 8.72
C GLU A 20 -18.04 2.94 9.33
N ARG A 21 -18.58 4.15 9.24
CA ARG A 21 -17.96 5.26 9.93
C ARG A 21 -19.02 5.84 10.85
N ASP A 22 -19.08 5.32 12.06
CA ASP A 22 -20.23 5.59 12.94
C ASP A 22 -20.33 7.06 13.37
N ALA A 23 -21.55 7.49 13.63
CA ALA A 23 -21.81 8.83 14.16
C ALA A 23 -20.99 9.08 15.43
N GLU A 24 -20.91 8.08 16.30
CA GLU A 24 -20.19 8.21 17.59
C GLU A 24 -18.76 7.71 17.45
N SER A 25 -17.96 8.46 16.73
CA SER A 25 -16.54 8.15 16.45
C SER A 25 -15.75 9.44 16.30
N HIS A 26 -14.45 9.36 16.48
CA HIS A 26 -13.62 10.53 16.31
C HIS A 26 -12.33 10.08 15.68
N LYS A 27 -11.40 10.99 15.40
CA LYS A 27 -10.20 10.57 14.70
C LYS A 27 -9.41 9.41 15.40
N GLY A 28 -9.44 9.38 16.74
CA GLY A 28 -8.79 8.30 17.47
C GLY A 28 -9.33 6.93 17.17
N THR A 29 -10.64 6.84 16.87
CA THR A 29 -11.27 5.60 16.52
C THR A 29 -10.59 4.97 15.30
N TYR A 30 -10.15 5.83 14.38
CA TYR A 30 -9.60 5.37 13.08
C TYR A 30 -8.09 5.39 13.05
N GLY A 31 -7.45 5.70 14.17
CA GLY A 31 -6.02 5.50 14.35
C GLY A 31 -5.12 6.47 13.64
N THR A 32 -3.85 6.42 14.03
CA THR A 32 -2.79 7.19 13.43
C THR A 32 -1.87 6.27 12.66
N ALA A 33 -1.66 6.59 11.41
CA ALA A 33 -0.75 5.83 10.56
C ALA A 33 0.53 6.60 10.42
N LEU A 34 1.58 5.85 10.14
CA LEU A 34 2.87 6.42 9.83
C LEU A 34 3.29 6.05 8.42
N LEU A 35 3.64 7.05 7.62
CA LEU A 35 4.14 6.86 6.25
C LEU A 35 5.58 7.31 6.18
N LEU A 36 6.46 6.34 5.89
CA LEU A 36 7.90 6.57 5.73
C LEU A 36 8.25 6.50 4.24
N ALA A 37 8.33 7.70 3.63
CA ALA A 37 8.33 7.83 2.18
C ALA A 37 8.88 9.15 1.73
N GLY A 38 9.38 9.20 0.50
CA GLY A 38 9.79 10.43 -0.17
C GLY A 38 11.23 10.81 0.19
N SER A 39 12.03 11.05 -0.82
CA SER A 39 13.45 11.43 -0.66
C SER A 39 13.70 12.57 -1.62
N ASP A 40 14.88 13.17 -1.57
CA ASP A 40 15.12 14.37 -2.36
C ASP A 40 14.97 14.19 -3.87
N ASP A 41 15.38 13.07 -4.49
CA ASP A 41 15.15 12.92 -5.97
C ASP A 41 13.90 12.13 -6.35
N MET A 42 13.23 11.58 -5.35
CA MET A 42 11.96 10.91 -5.51
C MET A 42 10.93 11.45 -4.49
N PRO A 43 10.65 12.77 -4.53
CA PRO A 43 9.76 13.36 -3.51
C PRO A 43 8.30 13.01 -3.69
N GLY A 44 7.90 12.88 -4.97
CA GLY A 44 6.48 12.75 -5.30
C GLY A 44 5.78 11.60 -4.65
N ALA A 45 6.48 10.48 -4.49
CA ALA A 45 5.88 9.29 -3.88
C ALA A 45 5.26 9.56 -2.50
N ALA A 46 5.85 10.48 -1.74
CA ALA A 46 5.28 10.83 -0.45
C ALA A 46 3.95 11.54 -0.58
N LEU A 47 3.80 12.44 -1.57
CA LEU A 47 2.53 13.09 -1.79
C LEU A 47 1.49 12.08 -2.28
N LEU A 48 1.91 11.22 -3.20
CA LEU A 48 1.00 10.25 -3.74
C LEU A 48 0.49 9.26 -2.65
N ALA A 49 1.42 8.70 -1.87
CA ALA A 49 1.04 7.76 -0.80
C ALA A 49 0.30 8.49 0.33
N GLY A 50 0.65 9.76 0.57
CA GLY A 50 0.03 10.50 1.64
C GLY A 50 -1.43 10.79 1.34
N LEU A 51 -1.70 11.24 0.11
CA LEU A 51 -3.07 11.47 -0.35
C LEU A 51 -3.87 10.16 -0.33
N GLY A 52 -3.25 9.09 -0.83
CA GLY A 52 -3.88 7.77 -0.84
C GLY A 52 -4.32 7.34 0.56
N ALA A 53 -3.44 7.57 1.52
CA ALA A 53 -3.69 7.14 2.92
C ALA A 53 -4.80 7.98 3.56
N MET A 54 -4.68 9.32 3.46
CA MET A 54 -5.69 10.17 4.10
C MET A 54 -7.06 10.06 3.45
N ARG A 55 -7.11 9.73 2.16
CA ARG A 55 -8.35 9.43 1.50
C ARG A 55 -9.02 8.13 1.99
N SER A 56 -8.24 7.25 2.63
CA SER A 56 -8.71 5.89 2.83
C SER A 56 -9.11 5.51 4.26
N GLY A 57 -9.65 6.47 5.02
CA GLY A 57 -10.34 6.18 6.26
C GLY A 57 -9.56 6.14 7.54
N LEU A 58 -8.29 6.52 7.52
CA LEU A 58 -7.56 6.69 8.76
C LEU A 58 -8.09 7.88 9.58
N GLY A 59 -7.55 8.03 10.79
CA GLY A 59 -7.87 9.17 11.62
C GLY A 59 -6.82 10.25 11.53
N LYS A 60 -5.55 9.89 11.67
CA LYS A 60 -4.47 10.86 11.54
C LYS A 60 -3.35 10.25 10.68
N LEU A 61 -2.57 11.11 10.01
CA LEU A 61 -1.37 10.65 9.28
C LEU A 61 -0.13 11.46 9.68
N VAL A 62 0.91 10.74 10.06
CA VAL A 62 2.22 11.30 10.27
C VAL A 62 3.09 10.84 9.10
N ILE A 63 3.72 11.80 8.41
CA ILE A 63 4.56 11.52 7.26
C ILE A 63 6.01 11.76 7.70
N GLY A 64 6.79 10.70 7.75
CA GLY A 64 8.22 10.75 8.06
C GLY A 64 9.02 10.81 6.79
N THR A 65 9.18 12.02 6.27
CA THR A 65 9.80 12.23 4.98
C THR A 65 10.97 13.11 5.21
N SER A 66 11.77 13.23 4.17
CA SER A 66 12.94 14.06 4.24
C SER A 66 12.50 15.51 4.44
N GLU A 67 13.31 16.27 5.17
CA GLU A 67 13.01 17.63 5.50
C GLU A 67 12.57 18.47 4.31
N ASN A 68 13.27 18.36 3.18
CA ASN A 68 12.99 19.21 2.01
C ASN A 68 11.75 18.80 1.20
N VAL A 69 11.20 17.63 1.53
CA VAL A 69 9.99 17.14 0.87
C VAL A 69 8.73 17.67 1.56
N ILE A 70 8.84 17.91 2.87
CA ILE A 70 7.71 18.45 3.64
C ILE A 70 6.97 19.62 2.96
N PRO A 71 7.66 20.67 2.59
CA PRO A 71 6.98 21.85 2.01
C PRO A 71 6.22 21.56 0.68
N LEU A 72 6.57 20.46 0.03
CA LEU A 72 5.97 20.08 -1.23
C LEU A 72 4.65 19.36 -1.01
N ILE A 73 4.44 18.82 0.20
CA ILE A 73 3.22 18.09 0.51
C ILE A 73 2.15 19.01 1.08
N VAL A 74 2.58 19.91 1.96
CA VAL A 74 1.64 20.70 2.76
C VAL A 74 0.52 21.41 1.97
N PRO A 75 0.84 22.10 0.84
CA PRO A 75 -0.24 22.88 0.14
C PRO A 75 -1.29 21.95 -0.45
N VAL A 76 -0.90 20.70 -0.74
CA VAL A 76 -1.84 19.74 -1.31
C VAL A 76 -2.57 18.91 -0.25
N LEU A 77 -1.90 18.65 0.86
CA LEU A 77 -2.38 17.75 1.90
C LEU A 77 -2.09 18.39 3.28
N PRO A 78 -2.79 19.50 3.57
CA PRO A 78 -2.51 20.20 4.84
C PRO A 78 -3.02 19.43 6.09
N GLU A 79 -3.71 18.31 5.87
CA GLU A 79 -4.19 17.47 6.95
C GLU A 79 -3.16 16.53 7.55
N ALA A 80 -2.00 16.37 6.90
CA ALA A 80 -0.95 15.51 7.39
C ALA A 80 -0.08 16.31 8.36
N THR A 81 0.50 15.60 9.31
CA THR A 81 1.59 16.15 10.13
C THR A 81 2.85 15.38 9.83
N TYR A 82 3.95 15.82 10.43
CA TYR A 82 5.29 15.33 9.98
C TYR A 82 6.17 14.87 11.12
N TRP A 83 6.97 13.86 10.82
CA TRP A 83 8.13 13.47 11.58
C TRP A 83 9.32 13.81 10.72
N ARG A 84 9.97 14.91 11.06
CA ARG A 84 11.00 15.42 10.20
C ARG A 84 12.15 14.44 10.05
N ASP A 85 12.51 14.12 8.80
CA ASP A 85 13.54 13.11 8.47
C ASP A 85 13.24 11.74 9.11
N GLY A 86 11.96 11.43 9.19
CA GLY A 86 11.50 10.27 9.92
C GLY A 86 12.08 8.95 9.42
N TRP A 87 12.13 8.78 8.10
CA TRP A 87 12.61 7.49 7.55
C TRP A 87 14.07 7.28 7.84
N LYS A 88 14.81 8.37 7.93
CA LYS A 88 16.22 8.32 8.29
C LYS A 88 16.41 8.05 9.80
N LYS A 89 15.64 8.75 10.64
CA LYS A 89 15.69 8.56 12.08
C LYS A 89 15.30 7.13 12.49
N ALA A 90 14.37 6.51 11.73
CA ALA A 90 13.90 5.14 12.05
C ALA A 90 15.04 4.12 11.88
N ALA A 91 16.10 4.48 11.16
CA ALA A 91 17.26 3.60 11.05
C ALA A 91 17.96 3.47 12.40
N ASP A 92 17.80 4.45 13.28
CA ASP A 92 18.56 4.51 14.53
C ASP A 92 17.90 3.95 15.76
N ALA A 93 16.59 3.81 15.77
CA ALA A 93 15.96 3.34 17.01
C ALA A 93 14.55 2.90 16.77
N GLN A 94 14.04 2.06 17.66
CA GLN A 94 12.64 1.67 17.63
C GLN A 94 11.77 2.90 17.79
N LEU A 95 10.59 2.88 17.18
CA LEU A 95 9.62 3.95 17.33
C LEU A 95 9.15 4.01 18.79
N GLU A 96 9.09 5.21 19.34
CA GLU A 96 8.58 5.37 20.71
C GLU A 96 7.07 5.61 20.71
N GLU A 97 6.54 6.06 19.56
CA GLU A 97 5.10 6.32 19.39
C GLU A 97 4.43 5.07 18.85
N THR A 98 3.14 4.93 19.14
CA THR A 98 2.34 3.78 18.73
C THR A 98 1.57 4.19 17.51
N TYR A 99 1.58 3.34 16.50
CA TYR A 99 0.83 3.61 15.27
C TYR A 99 -0.10 2.46 15.01
N ARG A 100 -1.22 2.77 14.36
CA ARG A 100 -2.18 1.74 13.95
C ARG A 100 -1.68 0.88 12.79
N ALA A 101 -0.88 1.48 11.90
CA ALA A 101 -0.30 0.82 10.76
C ALA A 101 0.86 1.70 10.28
N ILE A 102 1.83 1.07 9.63
CA ILE A 102 3.01 1.73 9.12
C ILE A 102 3.27 1.31 7.68
N ALA A 103 3.61 2.25 6.80
CA ALA A 103 4.16 1.93 5.49
C ALA A 103 5.52 2.53 5.31
N ILE A 104 6.41 1.77 4.65
CA ILE A 104 7.75 2.24 4.38
C ILE A 104 8.16 1.92 2.94
N GLY A 105 8.82 2.88 2.27
CA GLY A 105 9.50 2.61 1.00
C GLY A 105 9.21 3.48 -0.23
N PRO A 106 7.95 3.92 -0.44
CA PRO A 106 7.71 4.67 -1.68
C PRO A 106 8.66 5.87 -1.71
N GLY A 107 9.30 6.06 -2.84
CA GLY A 107 10.27 7.13 -3.00
C GLY A 107 11.55 7.06 -2.18
N LEU A 108 11.83 5.91 -1.56
CA LEU A 108 13.08 5.74 -0.83
C LEU A 108 14.09 4.96 -1.67
N PRO A 109 15.36 5.24 -1.49
CA PRO A 109 16.41 4.54 -2.23
C PRO A 109 16.56 3.11 -1.71
N GLN A 110 17.11 2.24 -2.52
CA GLN A 110 17.24 0.84 -2.16
C GLN A 110 18.55 0.63 -1.41
N THR A 111 18.61 1.12 -0.19
CA THR A 111 19.87 1.11 0.57
C THR A 111 19.77 0.28 1.86
N GLU A 112 20.93 0.03 2.43
CA GLU A 112 21.02 -0.70 3.70
C GLU A 112 20.38 0.12 4.82
N SER A 113 20.48 1.46 4.75
CA SER A 113 19.90 2.35 5.78
C SER A 113 18.37 2.21 5.83
N VAL A 114 17.76 2.03 4.64
CA VAL A 114 16.33 1.80 4.56
C VAL A 114 15.98 0.44 5.19
N GLN A 115 16.80 -0.58 4.91
CA GLN A 115 16.60 -1.84 5.61
C GLN A 115 16.74 -1.77 7.13
N GLN A 116 17.66 -0.95 7.63
CA GLN A 116 17.77 -0.75 9.07
C GLN A 116 16.49 -0.13 9.63
N ALA A 117 15.91 0.83 8.90
CA ALA A 117 14.63 1.43 9.32
C ALA A 117 13.52 0.35 9.32
N VAL A 118 13.48 -0.46 8.27
CA VAL A 118 12.55 -1.61 8.19
C VAL A 118 12.65 -2.50 9.42
N ASP A 119 13.88 -2.83 9.83
CA ASP A 119 14.06 -3.73 10.98
C ASP A 119 13.51 -3.10 12.23
N HIS A 120 13.73 -1.79 12.43
CA HIS A 120 13.17 -1.09 13.55
C HIS A 120 11.66 -1.01 13.52
N VAL A 121 11.07 -0.66 12.39
CA VAL A 121 9.61 -0.54 12.28
C VAL A 121 8.95 -1.90 12.59
N LEU A 122 9.59 -2.98 12.18
CA LEU A 122 9.03 -4.30 12.44
C LEU A 122 8.97 -4.72 13.92
N THR A 123 9.65 -4.02 14.82
CA THR A 123 9.49 -4.32 16.24
C THR A 123 8.22 -3.68 16.81
N ALA A 124 7.55 -2.81 16.06
CA ALA A 124 6.21 -2.31 16.48
C ALA A 124 5.16 -3.40 16.35
N ASP A 125 4.05 -3.27 17.07
CA ASP A 125 2.98 -4.25 17.03
C ASP A 125 1.89 -3.60 16.23
N CYS A 126 2.02 -3.66 14.91
CA CYS A 126 0.99 -3.20 13.99
C CYS A 126 1.29 -3.78 12.63
N PRO A 127 0.32 -3.80 11.74
CA PRO A 127 0.62 -4.14 10.34
C PRO A 127 1.63 -3.18 9.72
N VAL A 128 2.53 -3.72 8.89
CA VAL A 128 3.55 -2.95 8.23
C VAL A 128 3.55 -3.30 6.72
N ILE A 129 3.53 -2.26 5.89
CA ILE A 129 3.64 -2.39 4.46
C ILE A 129 5.03 -2.00 4.02
N LEU A 130 5.67 -2.83 3.20
CA LEU A 130 6.95 -2.54 2.56
C LEU A 130 6.74 -2.45 1.05
N ASP A 131 7.21 -1.35 0.46
CA ASP A 131 7.07 -1.09 -0.99
C ASP A 131 8.35 -0.51 -1.53
N ALA A 132 8.51 -0.60 -2.84
CA ALA A 132 9.52 0.19 -3.57
C ALA A 132 10.91 0.01 -2.98
N GLY A 133 11.53 1.08 -2.51
CA GLY A 133 12.90 1.01 -1.97
C GLY A 133 13.11 0.10 -0.75
N ALA A 134 12.05 -0.18 -0.02
CA ALA A 134 12.09 -1.05 1.13
C ALA A 134 12.01 -2.53 0.74
N LEU A 135 11.77 -2.86 -0.53
CA LEU A 135 11.73 -4.24 -0.96
C LEU A 135 13.12 -4.74 -1.34
N ALA A 136 13.53 -5.81 -0.70
CA ALA A 136 14.84 -6.42 -0.90
C ALA A 136 14.74 -7.91 -0.74
N LYS A 137 15.79 -8.61 -1.15
CA LYS A 137 15.91 -10.05 -0.86
C LYS A 137 16.30 -10.20 0.60
N ARG A 138 15.41 -10.75 1.41
CA ARG A 138 15.64 -10.81 2.85
C ARG A 138 14.65 -11.75 3.50
N THR A 139 14.76 -11.96 4.82
CA THR A 139 13.73 -12.65 5.57
C THR A 139 13.18 -11.73 6.66
N TYR A 140 12.14 -12.21 7.33
CA TYR A 140 11.28 -11.41 8.22
C TYR A 140 11.15 -12.06 9.59
N PRO A 141 11.22 -11.25 10.65
CA PRO A 141 11.13 -11.81 11.99
C PRO A 141 9.70 -12.18 12.37
N LYS A 142 9.57 -13.17 13.24
CA LYS A 142 8.26 -13.52 13.78
C LYS A 142 7.75 -12.32 14.58
N ARG A 143 6.52 -11.90 14.31
CA ARG A 143 5.92 -10.73 15.00
C ARG A 143 4.41 -10.90 14.89
N GLU A 144 3.61 -10.14 15.63
CA GLU A 144 2.11 -10.35 15.58
C GLU A 144 1.46 -9.85 14.27
N GLY A 145 1.79 -8.62 13.94
CA GLY A 145 1.10 -7.94 12.89
C GLY A 145 1.58 -8.46 11.55
N PRO A 146 0.73 -8.38 10.54
CA PRO A 146 1.12 -8.80 9.21
C PRO A 146 2.19 -7.87 8.62
N VAL A 147 3.01 -8.45 7.76
CA VAL A 147 3.92 -7.70 6.91
C VAL A 147 3.41 -7.87 5.49
N ILE A 148 3.20 -6.74 4.81
CA ILE A 148 2.58 -6.73 3.48
C ILE A 148 3.57 -6.15 2.47
N LEU A 149 4.00 -7.00 1.53
CA LEU A 149 4.95 -6.61 0.46
C LEU A 149 4.17 -6.32 -0.80
N THR A 150 4.51 -5.24 -1.49
CA THR A 150 3.74 -4.80 -2.66
C THR A 150 4.61 -4.68 -3.94
N PRO A 151 5.32 -5.76 -4.31
CA PRO A 151 6.18 -5.71 -5.49
C PRO A 151 5.44 -5.74 -6.82
N HIS A 152 5.94 -4.97 -7.79
CA HIS A 152 5.68 -5.30 -9.16
C HIS A 152 6.66 -6.39 -9.57
N PRO A 153 6.43 -7.01 -10.73
CA PRO A 153 7.26 -8.15 -11.11
C PRO A 153 8.77 -7.91 -11.11
N GLY A 154 9.23 -6.71 -11.46
CA GLY A 154 10.64 -6.36 -11.33
C GLY A 154 11.18 -6.40 -9.90
N GLU A 155 10.37 -5.92 -8.98
CA GLU A 155 10.68 -5.97 -7.59
C GLU A 155 10.61 -7.40 -7.04
N PHE A 156 9.67 -8.19 -7.55
CA PHE A 156 9.58 -9.60 -7.16
C PHE A 156 10.86 -10.37 -7.57
N PHE A 157 11.38 -10.06 -8.76
CA PHE A 157 12.67 -10.62 -9.19
C PHE A 157 13.76 -10.22 -8.22
N ARG A 158 13.79 -8.95 -7.83
CA ARG A 158 14.81 -8.50 -6.89
C ARG A 158 14.73 -9.27 -5.56
N MET A 159 13.52 -9.50 -5.09
CA MET A 159 13.25 -10.21 -3.82
C MET A 159 13.56 -11.72 -3.86
N THR A 160 13.37 -12.35 -5.01
CA THR A 160 13.31 -13.84 -5.10
C THR A 160 14.30 -14.48 -6.07
N GLY A 161 14.84 -13.73 -7.03
CA GLY A 161 15.60 -14.33 -8.14
C GLY A 161 14.76 -14.99 -9.22
N VAL A 162 13.44 -14.98 -9.12
CA VAL A 162 12.60 -15.51 -10.19
C VAL A 162 12.54 -14.46 -11.29
N PRO A 163 13.07 -14.75 -12.48
CA PRO A 163 13.05 -13.80 -13.57
C PRO A 163 11.62 -13.45 -13.99
N VAL A 164 11.42 -12.20 -14.43
CA VAL A 164 10.10 -11.67 -14.76
C VAL A 164 9.42 -12.52 -15.82
N ASN A 165 10.17 -12.94 -16.85
CA ASN A 165 9.51 -13.69 -17.90
C ASN A 165 8.98 -15.07 -17.43
N GLU A 166 9.63 -15.64 -16.43
CA GLU A 166 9.15 -16.87 -15.81
C GLU A 166 7.99 -16.60 -14.82
N LEU A 167 8.16 -15.59 -14.00
CA LEU A 167 7.13 -15.17 -13.05
C LEU A 167 5.77 -14.98 -13.74
N GLN A 168 5.79 -14.31 -14.90
CA GLN A 168 4.56 -13.91 -15.56
C GLN A 168 3.79 -15.09 -16.12
N LYS A 169 4.45 -16.24 -16.27
CA LYS A 169 3.80 -17.47 -16.68
C LYS A 169 2.98 -18.16 -15.59
N LYS A 170 3.32 -17.93 -14.33
CA LYS A 170 2.70 -18.61 -13.18
C LYS A 170 2.63 -17.66 -11.98
N ARG A 171 1.97 -16.51 -12.18
CA ARG A 171 2.02 -15.44 -11.16
C ARG A 171 1.51 -15.89 -9.80
N ALA A 172 0.33 -16.49 -9.77
CA ALA A 172 -0.25 -16.86 -8.48
C ALA A 172 0.58 -17.97 -7.81
N GLU A 173 1.08 -18.93 -8.60
CA GLU A 173 1.89 -20.01 -8.03
C GLU A 173 3.13 -19.45 -7.34
N TYR A 174 3.81 -18.50 -8.02
CA TYR A 174 5.01 -17.92 -7.40
C TYR A 174 4.64 -17.05 -6.20
N ALA A 175 3.59 -16.22 -6.33
CA ALA A 175 3.23 -15.31 -5.24
C ALA A 175 2.86 -16.11 -3.98
N LYS A 176 2.10 -17.18 -4.18
CA LYS A 176 1.73 -18.05 -3.06
C LYS A 176 2.91 -18.74 -2.40
N GLU A 177 3.80 -19.27 -3.23
CA GLU A 177 5.00 -19.98 -2.75
C GLU A 177 5.84 -19.05 -1.92
N TRP A 178 5.97 -17.81 -2.37
CA TRP A 178 6.83 -16.85 -1.67
C TRP A 178 6.18 -16.20 -0.46
N ALA A 179 4.85 -16.04 -0.49
CA ALA A 179 4.10 -15.59 0.67
C ALA A 179 4.25 -16.63 1.79
N ALA A 180 4.15 -17.89 1.43
CA ALA A 180 4.37 -19.00 2.37
C ALA A 180 5.79 -19.03 2.90
N GLN A 181 6.78 -19.00 2.02
CA GLN A 181 8.18 -19.06 2.44
C GLN A 181 8.58 -17.91 3.32
N LEU A 182 8.19 -16.69 2.95
CA LEU A 182 8.54 -15.51 3.71
C LEU A 182 7.66 -15.28 4.95
N GLN A 183 6.46 -15.85 4.93
CA GLN A 183 5.41 -15.58 5.91
C GLN A 183 5.04 -14.11 5.91
N THR A 184 4.84 -13.57 4.70
CA THR A 184 4.37 -12.23 4.49
C THR A 184 3.19 -12.29 3.53
N VAL A 185 2.36 -11.25 3.56
CA VAL A 185 1.41 -11.02 2.51
C VAL A 185 2.20 -10.54 1.29
N ILE A 186 1.83 -10.99 0.09
CA ILE A 186 2.41 -10.48 -1.13
C ILE A 186 1.30 -10.02 -2.04
N VAL A 187 1.32 -8.72 -2.35
CA VAL A 187 0.45 -8.12 -3.38
C VAL A 187 1.35 -8.01 -4.62
N LEU A 188 1.21 -8.97 -5.53
CA LEU A 188 2.02 -9.06 -6.76
C LEU A 188 1.27 -8.33 -7.84
N LYS A 189 1.78 -7.15 -8.13
CA LYS A 189 1.09 -6.21 -9.01
C LYS A 189 1.09 -6.61 -10.46
N GLY A 190 0.18 -5.95 -11.20
CA GLY A 190 -0.05 -6.19 -12.59
C GLY A 190 -1.53 -6.34 -12.90
N ASN A 191 -1.83 -6.48 -14.18
CA ASN A 191 -3.13 -6.98 -14.58
C ASN A 191 -3.39 -8.24 -13.73
N GLN A 192 -4.59 -8.36 -13.17
CA GLN A 192 -4.97 -9.45 -12.24
C GLN A 192 -3.95 -9.60 -11.13
N THR A 193 -3.84 -8.53 -10.36
CA THR A 193 -2.94 -8.47 -9.22
C THR A 193 -3.27 -9.68 -8.35
N VAL A 194 -2.22 -10.33 -7.85
CA VAL A 194 -2.40 -11.44 -6.94
C VAL A 194 -2.23 -10.99 -5.51
N ILE A 195 -3.18 -11.32 -4.65
CA ILE A 195 -3.06 -11.07 -3.21
C ILE A 195 -2.91 -12.40 -2.50
N ALA A 196 -1.66 -12.71 -2.12
CA ALA A 196 -1.31 -13.96 -1.52
C ALA A 196 -1.04 -13.80 -0.04
N PHE A 197 -1.74 -14.55 0.79
CA PHE A 197 -1.57 -14.50 2.25
C PHE A 197 -0.70 -15.65 2.77
N PRO A 198 0.02 -15.40 3.86
CA PRO A 198 0.98 -16.45 4.28
C PRO A 198 0.33 -17.66 4.91
N ASP A 199 -0.98 -17.58 5.20
CA ASP A 199 -1.73 -18.76 5.65
C ASP A 199 -2.34 -19.57 4.51
N GLY A 200 -1.95 -19.18 3.29
CA GLY A 200 -2.34 -19.88 2.07
C GLY A 200 -3.58 -19.37 1.38
N ASP A 201 -4.33 -18.46 2.00
CA ASP A 201 -5.41 -17.79 1.26
C ASP A 201 -4.81 -17.02 0.09
N CYS A 202 -5.52 -17.00 -1.04
CA CYS A 202 -5.04 -16.24 -2.19
C CYS A 202 -6.22 -15.80 -3.03
N TRP A 203 -6.12 -14.58 -3.56
CA TRP A 203 -7.16 -13.97 -4.38
C TRP A 203 -6.55 -13.26 -5.57
N LEU A 204 -7.34 -13.11 -6.61
CA LEU A 204 -7.01 -12.26 -7.75
C LEU A 204 -7.90 -11.00 -7.74
N ASN A 205 -7.32 -9.89 -8.14
CA ASN A 205 -8.07 -8.65 -8.26
C ASN A 205 -8.66 -8.46 -9.65
N PRO A 206 -10.00 -8.28 -9.77
CA PRO A 206 -10.63 -8.17 -11.07
C PRO A 206 -10.69 -6.75 -11.68
N THR A 207 -10.23 -5.76 -10.96
CA THR A 207 -10.39 -4.37 -11.39
C THR A 207 -9.10 -3.76 -11.91
N GLY A 208 -9.24 -2.67 -12.66
CA GLY A 208 -8.05 -2.02 -13.19
C GLY A 208 -7.85 -2.19 -14.66
N ASN A 209 -7.00 -1.33 -15.20
CA ASN A 209 -6.72 -1.35 -16.63
C ASN A 209 -5.44 -0.60 -16.90
N GLY A 210 -5.11 -0.49 -18.19
CA GLY A 210 -3.83 0.11 -18.57
C GLY A 210 -3.64 1.57 -18.21
N ALA A 211 -4.69 2.27 -17.74
CA ALA A 211 -4.53 3.65 -17.29
C ALA A 211 -3.55 3.67 -16.11
N LEU A 212 -3.49 2.54 -15.41
CA LEU A 212 -2.59 2.36 -14.24
C LEU A 212 -1.13 2.14 -14.59
N ALA A 213 -0.82 1.93 -15.86
CA ALA A 213 0.53 1.56 -16.32
C ALA A 213 1.34 2.81 -16.53
N LYS A 214 1.59 3.52 -15.43
CA LYS A 214 2.30 4.78 -15.46
C LYS A 214 2.78 5.09 -14.06
N GLY A 215 3.94 5.73 -14.00
CA GLY A 215 4.59 6.04 -12.74
C GLY A 215 3.67 6.65 -11.68
N GLY A 216 3.81 6.13 -10.46
CA GLY A 216 3.15 6.66 -9.31
C GLY A 216 1.94 5.92 -8.84
N THR A 217 1.33 5.10 -9.71
CA THR A 217 0.11 4.44 -9.32
C THR A 217 0.31 3.50 -8.14
N GLY A 218 1.45 2.82 -8.04
CA GLY A 218 1.67 1.96 -6.92
C GLY A 218 1.89 2.75 -5.62
N ASP A 219 2.40 3.98 -5.71
CA ASP A 219 2.57 4.82 -4.53
C ASP A 219 1.21 5.18 -3.91
N THR A 220 0.29 5.56 -4.78
CA THR A 220 -1.08 5.78 -4.36
C THR A 220 -1.65 4.48 -3.69
N LEU A 221 -1.43 3.33 -4.32
CA LEU A 221 -1.91 2.05 -3.75
C LEU A 221 -1.35 1.84 -2.34
N THR A 222 -0.07 2.04 -2.17
CA THR A 222 0.52 1.85 -0.85
C THR A 222 -0.17 2.69 0.19
N GLY A 223 -0.45 3.93 -0.16
CA GLY A 223 -1.20 4.77 0.77
C GLY A 223 -2.62 4.29 1.02
N MET A 224 -3.30 3.85 -0.01
CA MET A 224 -4.63 3.30 0.18
C MET A 224 -4.65 2.09 1.12
N ILE A 225 -3.70 1.18 0.93
CA ILE A 225 -3.61 0.05 1.86
C ILE A 225 -3.39 0.56 3.31
N LEU A 226 -2.45 1.47 3.49
CA LEU A 226 -2.18 2.06 4.79
C LEU A 226 -3.42 2.63 5.49
N GLY A 227 -4.18 3.46 4.79
CA GLY A 227 -5.38 4.02 5.36
C GLY A 227 -6.44 2.93 5.65
N MET A 228 -6.61 1.98 4.73
CA MET A 228 -7.62 0.94 4.92
C MET A 228 -7.27 0.01 6.09
N LEU A 229 -5.99 -0.18 6.36
CA LEU A 229 -5.57 -0.95 7.52
C LEU A 229 -6.03 -0.31 8.82
N CYS A 230 -6.25 1.02 8.79
CA CYS A 230 -6.66 1.75 9.97
C CYS A 230 -8.15 1.68 10.26
N CYS A 231 -8.96 1.46 9.24
CA CYS A 231 -10.44 1.49 9.42
C CYS A 231 -11.09 0.14 9.25
N HIS A 232 -10.35 -0.86 8.74
CA HIS A 232 -10.88 -2.26 8.69
C HIS A 232 -10.44 -3.04 9.92
N GLU A 233 -11.36 -3.77 10.54
CA GLU A 233 -10.97 -4.67 11.63
C GLU A 233 -10.04 -5.80 11.18
N ASP A 234 -10.31 -6.36 10.01
CA ASP A 234 -9.50 -7.46 9.46
C ASP A 234 -8.52 -6.94 8.41
N PRO A 235 -7.20 -7.01 8.69
CA PRO A 235 -6.25 -6.43 7.75
C PRO A 235 -6.25 -7.12 6.39
N LYS A 236 -6.74 -8.36 6.31
CA LYS A 236 -6.87 -9.02 5.01
C LYS A 236 -7.86 -8.25 4.12
N HIS A 237 -8.97 -7.85 4.70
CA HIS A 237 -9.99 -7.08 4.00
C HIS A 237 -9.49 -5.72 3.56
N ALA A 238 -8.65 -5.08 4.39
CA ALA A 238 -8.07 -3.81 4.06
C ALA A 238 -7.22 -3.90 2.80
N VAL A 239 -6.35 -4.92 2.75
CA VAL A 239 -5.48 -5.11 1.58
C VAL A 239 -6.33 -5.37 0.34
N LEU A 240 -7.25 -6.32 0.46
CA LEU A 240 -8.07 -6.71 -0.67
C LEU A 240 -8.92 -5.55 -1.19
N ASN A 241 -9.58 -4.84 -0.27
CA ASN A 241 -10.38 -3.67 -0.66
C ASN A 241 -9.60 -2.55 -1.27
N ALA A 242 -8.39 -2.33 -0.77
CA ALA A 242 -7.55 -1.31 -1.34
C ALA A 242 -7.16 -1.59 -2.79
N VAL A 243 -6.73 -2.81 -3.06
CA VAL A 243 -6.36 -3.20 -4.40
C VAL A 243 -7.55 -3.10 -5.35
N TYR A 244 -8.70 -3.54 -4.87
CA TYR A 244 -9.92 -3.53 -5.65
C TYR A 244 -10.35 -2.09 -5.99
N LEU A 245 -10.47 -1.27 -4.96
CA LEU A 245 -10.93 0.10 -5.16
C LEU A 245 -9.94 0.92 -5.99
N HIS A 246 -8.66 0.70 -5.82
CA HIS A 246 -7.63 1.31 -6.67
C HIS A 246 -7.87 1.04 -8.15
N GLY A 247 -8.13 -0.22 -8.47
CA GLY A 247 -8.41 -0.60 -9.85
C GLY A 247 -9.74 -0.01 -10.31
N ALA A 248 -10.74 0.00 -9.44
CA ALA A 248 -12.04 0.53 -9.78
C ALA A 248 -12.00 2.03 -10.13
N CYS A 249 -11.07 2.75 -9.51
CA CYS A 249 -10.93 4.19 -9.80
C CYS A 249 -10.43 4.36 -11.24
N ALA A 250 -9.48 3.50 -11.68
CA ALA A 250 -9.04 3.53 -13.07
C ALA A 250 -10.14 3.21 -14.07
N GLU A 251 -11.02 2.32 -13.68
CA GLU A 251 -12.14 1.93 -14.54
C GLU A 251 -13.14 3.06 -14.66
N LEU A 252 -13.37 3.79 -13.58
CA LEU A 252 -14.25 4.97 -13.66
CA LEU A 252 -14.24 4.97 -13.65
C LEU A 252 -13.62 6.02 -14.58
N TRP A 253 -12.33 6.30 -14.41
CA TRP A 253 -11.62 7.23 -15.27
C TRP A 253 -11.85 6.94 -16.77
N THR A 254 -11.72 5.68 -17.16
CA THR A 254 -11.75 5.35 -18.60
C THR A 254 -13.13 5.43 -19.21
N ASP A 255 -14.14 5.67 -18.38
CA ASP A 255 -15.50 5.81 -18.96
C ASP A 255 -15.55 7.04 -19.91
N GLU A 256 -14.94 8.14 -19.49
CA GLU A 256 -14.98 9.40 -20.24
C GLU A 256 -13.63 10.03 -20.56
N HIS A 257 -12.56 9.38 -20.14
CA HIS A 257 -11.20 9.86 -20.34
C HIS A 257 -10.33 8.76 -20.97
N SER A 258 -9.37 9.14 -21.82
CA SER A 258 -8.50 8.14 -22.37
C SER A 258 -7.57 7.48 -21.33
N ALA A 259 -7.41 6.16 -21.44
CA ALA A 259 -6.51 5.39 -20.58
C ALA A 259 -5.06 5.85 -20.64
N HIS A 260 -4.68 6.58 -21.69
CA HIS A 260 -3.29 7.06 -21.81
C HIS A 260 -2.99 8.25 -20.93
N THR A 261 -4.02 8.87 -20.36
CA THR A 261 -3.93 10.25 -19.81
C THR A 261 -4.08 10.39 -18.28
N LEU A 262 -4.32 9.30 -17.56
CA LEU A 262 -4.53 9.34 -16.11
C LEU A 262 -3.25 9.69 -15.41
N LEU A 263 -3.35 10.52 -14.39
CA LEU A 263 -2.15 10.75 -13.52
C LEU A 263 -2.52 10.13 -12.15
N ALA A 264 -1.56 9.44 -11.51
CA ALA A 264 -1.80 8.69 -10.26
C ALA A 264 -2.59 9.45 -9.23
N HIS A 265 -2.24 10.72 -8.98
CA HIS A 265 -2.93 11.48 -7.92
C HIS A 265 -4.42 11.56 -8.12
N GLU A 266 -4.87 11.49 -9.38
CA GLU A 266 -6.29 11.56 -9.69
C GLU A 266 -7.05 10.34 -9.18
N LEU A 267 -6.35 9.21 -8.98
CA LEU A 267 -7.02 8.07 -8.35
C LEU A 267 -7.58 8.45 -7.01
N SER A 268 -6.80 9.20 -6.26
CA SER A 268 -7.20 9.71 -4.97
C SER A 268 -8.42 10.63 -5.04
N ASP A 269 -8.53 11.40 -6.12
CA ASP A 269 -9.63 12.36 -6.33
C ASP A 269 -10.92 11.59 -6.68
N ILE A 270 -10.77 10.44 -7.33
CA ILE A 270 -11.89 9.60 -7.79
C ILE A 270 -12.44 8.72 -6.70
N LEU A 271 -11.58 8.25 -5.82
CA LEU A 271 -11.96 7.31 -4.79
C LEU A 271 -13.21 7.71 -3.95
N PRO A 272 -13.39 9.00 -3.61
CA PRO A 272 -14.55 9.34 -2.76
C PRO A 272 -15.86 8.89 -3.38
N ARG A 273 -15.99 9.10 -4.67
CA ARG A 273 -17.27 8.74 -5.33
C ARG A 273 -17.33 7.25 -5.58
N VAL A 274 -16.19 6.65 -5.95
CA VAL A 274 -16.12 5.20 -6.20
C VAL A 274 -16.46 4.41 -4.95
N TRP A 275 -15.85 4.78 -3.82
CA TRP A 275 -16.12 4.09 -2.56
C TRP A 275 -17.60 4.16 -2.20
N LYS A 276 -18.23 5.33 -2.39
CA LYS A 276 -19.65 5.52 -2.11
C LYS A 276 -20.51 4.47 -2.80
N ARG A 277 -20.16 4.14 -4.03
CA ARG A 277 -20.91 3.17 -4.85
CA ARG A 277 -20.94 3.18 -4.82
C ARG A 277 -20.98 1.77 -4.21
N PHE A 278 -19.98 1.46 -3.40
CA PHE A 278 -19.85 0.14 -2.72
C PHE A 278 -20.40 0.09 -1.30
N GLU A 279 -21.06 1.17 -0.89
CA GLU A 279 -21.69 1.29 0.44
C GLU A 279 -23.18 0.98 0.35
MG MG B . 6.12 1.07 -7.13
P AMP C . 3.94 0.53 -9.42
O1P AMP C . 3.58 1.98 -9.70
O2P AMP C . 4.76 -0.07 -10.54
O3P AMP C . 4.47 0.34 -8.01
O5' AMP C . 2.53 -0.12 -9.32
C5' AMP C . 1.69 -0.16 -10.48
C4' AMP C . 0.24 -0.26 -10.08
O4' AMP C . -0.58 -0.13 -11.25
C3' AMP C . -0.13 -1.59 -9.46
O3' AMP C . -1.27 -1.48 -8.59
C2' AMP C . -0.47 -2.44 -10.69
O2' AMP C . -1.23 -3.63 -10.46
C1' AMP C . -1.24 -1.40 -11.51
N9 AMP C . -1.22 -1.64 -12.94
C8 AMP C . -0.27 -1.30 -13.83
N7 AMP C . -0.63 -1.65 -15.11
C5 AMP C . -1.84 -2.23 -15.00
C6 AMP C . -2.77 -2.85 -15.94
N6 AMP C . -2.37 -2.85 -17.22
N1 AMP C . -3.93 -3.36 -15.48
C2 AMP C . -4.23 -3.28 -14.18
N3 AMP C . -3.40 -2.74 -13.25
C4 AMP C . -2.24 -2.23 -13.59
P PO4 D . 6.15 4.10 -8.87
O1 PO4 D . 6.26 2.74 -8.22
O2 PO4 D . 6.52 4.29 -10.38
O3 PO4 D . 6.84 5.25 -8.06
O4 PO4 D . 4.62 4.19 -8.65
P AMP E . 10.58 0.92 -11.12
O1P AMP E . 11.89 0.94 -10.36
O2P AMP E . 9.35 0.72 -10.25
O3P AMP E . 10.40 2.09 -12.08
O5' AMP E . 10.85 -0.39 -12.05
C5' AMP E . 10.10 -0.61 -13.25
C4' AMP E . 10.60 -1.80 -14.08
O4' AMP E . 10.27 -3.09 -13.51
C3' AMP E . 9.94 -1.80 -15.46
O3' AMP E . 10.65 -1.05 -16.45
C2' AMP E . 9.87 -3.27 -15.79
O2' AMP E . 11.11 -3.72 -16.35
C1' AMP E . 9.58 -3.94 -14.45
N9 AMP E . 8.08 -4.04 -14.27
C8 AMP E . 7.25 -3.16 -13.62
N7 AMP E . 5.96 -3.58 -13.71
C5 AMP E . 5.93 -4.75 -14.43
C6 AMP E . 4.91 -5.75 -14.91
N6 AMP E . 3.55 -5.64 -14.65
N1 AMP E . 5.38 -6.80 -15.65
C2 AMP E . 6.68 -6.98 -15.96
N3 AMP E . 7.65 -6.12 -15.56
C4 AMP E . 7.35 -5.02 -14.80
#